data_7X8Y
#
_entry.id   7X8Y
#
_cell.length_a   1.00
_cell.length_b   1.00
_cell.length_c   1.00
_cell.angle_alpha   90.00
_cell.angle_beta   90.00
_cell.angle_gamma   90.00
#
_symmetry.space_group_name_H-M   'P 1'
#
loop_
_entity.id
_entity.type
_entity.pdbx_description
1 polymer 'Spike glycoprotein'
2 polymer 'Ab159 heavy chain'
3 polymer 'Ab159 light chain'
4 non-polymer 2-acetamido-2-deoxy-beta-D-glucopyranose
#
loop_
_entity_poly.entity_id
_entity_poly.type
_entity_poly.pdbx_seq_one_letter_code
_entity_poly.pdbx_strand_id
1 'polypeptide(L)'
;MFVFLVLLPLVSSQCVNLTTRTQLPPAYTNSFTRGVYYPDKVFRSSVLHSTQDLFLPFFSNVTWFHAIHVSGTNGTKRFD
NPVLPFNDGVYFASTEKSNIIRGWIFGTTLDSKTQSLLIVNNATNVVIKVCEFQFCNDPFLGVYYHKNNKSWMESEFRVY
SSANNCTFEYVSQPFLMDLEGKQGNFKNLREFVFKNIDGYFKIYSKHTPINLVRDLPQGFSALEPLVDLPIGINITRFQT
LLALHRSYLTPGDSSSGWTAGAAAYYVGYLQPRTFLLKYNENGTITDAVDCALDPLSETKCTLKSFTVEKGIYQTSNFRV
QPTESIVRFPNITNLCPFGEVFNATRFASVYAWNRKRISNCVADYSVLYNSASFSTFKCYGVSPTKLNDLCFTNVYADSF
VIRGDEVRQIAPGQTGKIADYNYKLPDDFTGCVIAWNSNNLDSKVGGNYNYLYRLFRKSNLKPFERDISTEIYQAGSTPC
NGVEGFNCYFPLQSYGFQPTNGVGYQPYRVVVLSFELLHAPATVCGPKKSTNLVKNKCVNFNFNGLTGTGVLTESNKKFL
PFQQFGRDIADTTDAVRDPQTLEILDITPCSFGGVSVITPGTNTSNQVAVLYQDVNCTEVPVAIHADQLTPTWRVYSTGS
NVFQTRAGCLIGAEHVNNSYECDIPIGAGICASYQTQTNSPGSASSVASQSIIAYTMSLGAENSVAYSNNSIAIPTNFTI
SVTTEILPVSMTKTSVDCTMYICGDSTECSNLLLQYGSFCTQLNRALTGIAVEQDKNTQEVFAQVKQIYKTPPIKDFGGF
NFSQILPDPSKPSKRSPIEDLLFNKVTLADAGFIKQYGDCLGDIAARDLICAQKFNGLTVLPPLLTDEMIAQYTSALLAG
TITSGWTFGAGPALQIPFPMQMAYRFNGIGVTQNVLYENQKLIANQFNSAIGKIQDSLSSTPSALGKLQDVVNQNAQALN
TLVKQLSSNFGAISSVLNDILSRLDPPEAEVQIDRLITGRLQSLQTYVTQQLIRAAEIRASANLAATKMSECVLGQSKRV
DFCGKGYHLMSFPQSAPHGVVFLHVTYVPAQEKNFTTAPAICHDGKAHFPREGVFVSNGTHWFVTQRNFYEPQIITTDNT
FVSGNCDVVIGIVNNTVYDPLQPELDSFKEELDKYFKNHTSPDVDLGDISGINASVVNIQKEIDRLNEVAKNLNESLIDL
QELGKYEQAAAGSGYIPEAPRDGQAYVRKDGEWVLLSTFLGSSGRENLYFQGGGGSGLNDIFEAQKIEWHEGHHHHHH
;
A
2 'polypeptide(L)'
;MDPKGSLSWRILLFLSLAFELSYGLEQVQLVESGGGLVKPGGSLRLSCAASGFTFNNAWMSWVRQAPGKGLEWVGRIKSK
TDGGTTDYAAPVKGRFTFSRDDSKNTLYLQMSSLKTEDTALYYCTTADYDILTGTPASPYWGQGTLVTVSSASTKGPSVF
PLAPSSKSTSGGTAALGCLVKDYFPEPVTVSWNSGALTSGVHTFPAVLQSSGLYSLSSVVTVPSSSLGTQTYICNVNHKP
SNTKVDKKVEPKSCENLYFQGHHHHHH
;
H
3 'polypeptide(L)'
;MDPKGSLSWRILLFLSLAFELSYGLEDIQMTQSPSSLSASVGDRVTITCRASQSITNYLNWYQQKPGKAPKFLIYAASSL
QGGVPSRFRGSGSGTDFTLTISSLQPEDFATYYCQQTYSTLWTFGQGTKVEIKRTVAAPSVFIFPPSDEQLKSGTASVVC
LLNNFYPREAKVQWKVDNALQSGNSQESVTEQDSKDSTYSLSSTLTLSKADYEKHKVYACEVTHQGLSSPVTKSFNRGEC
;
L
#
# COMPACT_ATOMS: atom_id res chain seq x y z
N SER A 325 -32.22 -44.80 -31.53
CA SER A 325 -32.43 -46.00 -32.31
C SER A 325 -32.76 -45.67 -33.76
N ILE A 326 -33.50 -44.57 -33.95
CA ILE A 326 -33.93 -44.16 -35.28
C ILE A 326 -32.90 -43.31 -36.01
N VAL A 327 -31.93 -42.73 -35.29
CA VAL A 327 -30.99 -41.79 -35.87
C VAL A 327 -29.56 -42.28 -35.63
N ARG A 328 -28.67 -41.91 -36.55
CA ARG A 328 -27.26 -42.25 -36.47
C ARG A 328 -26.44 -40.98 -36.63
N PHE A 329 -25.27 -40.96 -36.01
CA PHE A 329 -24.37 -39.82 -36.02
C PHE A 329 -22.97 -40.26 -36.39
N PRO A 330 -22.15 -39.36 -36.91
CA PRO A 330 -20.85 -39.75 -37.45
C PRO A 330 -19.85 -40.12 -36.35
N ASN A 331 -18.76 -40.75 -36.79
CA ASN A 331 -17.72 -41.17 -35.88
C ASN A 331 -17.15 -39.99 -35.12
N ILE A 332 -16.94 -40.17 -33.81
CA ILE A 332 -16.38 -39.11 -32.99
C ILE A 332 -14.91 -38.90 -33.32
N THR A 333 -14.42 -37.69 -33.10
CA THR A 333 -13.01 -37.35 -33.28
C THR A 333 -12.82 -35.91 -32.83
N ASN A 334 -11.57 -35.45 -32.87
CA ASN A 334 -11.22 -34.06 -32.57
C ASN A 334 -11.75 -33.66 -31.20
N LEU A 335 -11.22 -34.31 -30.17
CA LEU A 335 -11.48 -33.95 -28.79
C LEU A 335 -10.44 -32.91 -28.38
N CYS A 336 -10.84 -31.64 -28.39
CA CYS A 336 -9.89 -30.56 -28.16
C CYS A 336 -9.29 -30.66 -26.75
N PRO A 337 -8.07 -30.12 -26.55
CA PRO A 337 -7.32 -30.42 -25.33
C PRO A 337 -7.80 -29.65 -24.11
N PHE A 338 -8.80 -30.17 -23.41
CA PHE A 338 -9.10 -29.65 -22.08
C PHE A 338 -7.97 -29.97 -21.12
N GLY A 339 -7.28 -31.09 -21.31
CA GLY A 339 -6.13 -31.40 -20.49
C GLY A 339 -5.03 -30.38 -20.60
N GLU A 340 -4.88 -29.77 -21.78
CA GLU A 340 -3.84 -28.77 -22.00
C GLU A 340 -3.98 -27.59 -21.05
N VAL A 341 -5.19 -27.36 -20.51
CA VAL A 341 -5.42 -26.31 -19.54
C VAL A 341 -5.81 -26.86 -18.17
N PHE A 342 -5.86 -28.18 -18.01
CA PHE A 342 -6.16 -28.81 -16.74
C PHE A 342 -4.98 -29.61 -16.19
N ASN A 343 -4.42 -30.50 -16.99
CA ASN A 343 -3.27 -31.30 -16.59
C ASN A 343 -1.95 -30.60 -16.86
N ALA A 344 -1.98 -29.34 -17.29
CA ALA A 344 -0.74 -28.62 -17.59
C ALA A 344 0.04 -28.38 -16.31
N THR A 345 1.28 -27.90 -16.48
CA THR A 345 2.19 -27.74 -15.35
C THR A 345 1.87 -26.47 -14.56
N ARG A 346 1.98 -25.31 -15.21
CA ARG A 346 1.88 -24.02 -14.54
C ARG A 346 0.65 -23.27 -15.02
N PHE A 347 -0.01 -22.58 -14.10
CA PHE A 347 -1.21 -21.80 -14.40
C PHE A 347 -0.97 -20.31 -14.16
N ALA A 348 0.25 -19.85 -14.38
CA ALA A 348 0.58 -18.43 -14.24
C ALA A 348 0.10 -17.95 -12.88
N SER A 349 -0.28 -16.67 -12.77
CA SER A 349 -0.76 -16.11 -11.53
C SER A 349 -2.05 -15.33 -11.80
N VAL A 350 -2.81 -15.11 -10.72
CA VAL A 350 -4.14 -14.52 -10.87
C VAL A 350 -4.05 -13.16 -11.54
N TYR A 351 -3.03 -12.37 -11.22
CA TYR A 351 -2.91 -11.04 -11.82
C TYR A 351 -2.59 -11.09 -13.30
N ALA A 352 -2.23 -12.26 -13.85
CA ALA A 352 -1.93 -12.42 -15.26
C ALA A 352 -2.60 -13.68 -15.80
N TRP A 353 -3.89 -13.85 -15.47
CA TRP A 353 -4.60 -15.06 -15.84
C TRP A 353 -4.60 -15.23 -17.36
N ASN A 354 -4.28 -16.44 -17.81
CA ASN A 354 -4.26 -16.73 -19.24
C ASN A 354 -5.70 -16.79 -19.78
N ARG A 355 -5.82 -17.04 -21.08
CA ARG A 355 -7.13 -17.10 -21.72
C ARG A 355 -7.00 -18.00 -22.96
N LYS A 356 -7.52 -19.21 -22.86
CA LYS A 356 -7.51 -20.16 -23.97
C LYS A 356 -8.86 -20.14 -24.66
N ARG A 357 -8.87 -19.84 -25.96
CA ARG A 357 -10.10 -19.75 -26.73
C ARG A 357 -10.36 -21.09 -27.41
N ILE A 358 -10.99 -22.00 -26.67
CA ILE A 358 -11.29 -23.30 -27.23
C ILE A 358 -12.45 -23.18 -28.22
N SER A 359 -12.23 -23.69 -29.42
CA SER A 359 -13.21 -23.58 -30.50
C SER A 359 -12.91 -24.66 -31.52
N ASN A 360 -13.92 -24.96 -32.34
CA ASN A 360 -13.80 -25.93 -33.43
C ASN A 360 -13.38 -27.30 -32.89
N CYS A 361 -14.25 -27.87 -32.06
CA CYS A 361 -13.99 -29.17 -31.46
C CYS A 361 -15.29 -29.71 -30.88
N VAL A 362 -15.17 -30.85 -30.21
CA VAL A 362 -16.30 -31.51 -29.52
C VAL A 362 -15.79 -31.89 -28.14
N ALA A 363 -16.06 -31.06 -27.15
CA ALA A 363 -15.53 -31.24 -25.81
C ALA A 363 -16.50 -32.10 -24.99
N ASP A 364 -16.03 -33.25 -24.54
CA ASP A 364 -16.81 -34.15 -23.70
C ASP A 364 -16.63 -33.75 -22.23
N TYR A 365 -17.49 -32.84 -21.78
CA TYR A 365 -17.38 -32.33 -20.42
C TYR A 365 -17.61 -33.42 -19.37
N SER A 366 -18.20 -34.56 -19.76
CA SER A 366 -18.54 -35.59 -18.79
C SER A 366 -17.35 -35.98 -17.94
N VAL A 367 -16.17 -36.13 -18.56
CA VAL A 367 -14.99 -36.52 -17.81
C VAL A 367 -14.62 -35.46 -16.78
N LEU A 368 -14.73 -34.18 -17.16
CA LEU A 368 -14.49 -33.11 -16.20
C LEU A 368 -15.51 -33.14 -15.07
N TYR A 369 -16.69 -33.71 -15.30
CA TYR A 369 -17.71 -33.82 -14.26
C TYR A 369 -17.51 -35.07 -13.40
N ASN A 370 -17.45 -36.24 -14.05
CA ASN A 370 -17.33 -37.51 -13.33
C ASN A 370 -15.86 -37.76 -13.04
N SER A 371 -15.36 -37.08 -12.02
CA SER A 371 -14.00 -37.26 -11.55
C SER A 371 -13.93 -36.87 -10.08
N ALA A 372 -13.09 -37.58 -9.33
CA ALA A 372 -13.01 -37.40 -7.89
C ALA A 372 -11.95 -36.39 -7.46
N SER A 373 -11.19 -35.84 -8.41
CA SER A 373 -10.11 -34.91 -8.07
C SER A 373 -10.55 -33.45 -8.10
N PHE A 374 -11.83 -33.18 -8.35
CA PHE A 374 -12.35 -31.82 -8.40
C PHE A 374 -13.14 -31.54 -7.14
N SER A 375 -12.82 -30.43 -6.47
CA SER A 375 -13.38 -30.13 -5.16
C SER A 375 -14.71 -29.37 -5.26
N THR A 376 -14.69 -28.20 -5.88
CA THR A 376 -15.86 -27.34 -5.97
C THR A 376 -16.25 -27.17 -7.43
N PHE A 377 -17.54 -27.33 -7.71
CA PHE A 377 -18.06 -27.26 -9.08
C PHE A 377 -19.35 -26.45 -9.12
N LYS A 378 -19.45 -25.39 -8.31
CA LYS A 378 -20.69 -24.63 -8.22
C LYS A 378 -20.91 -23.80 -9.48
N CYS A 379 -21.64 -24.36 -10.44
CA CYS A 379 -21.90 -23.68 -11.70
C CYS A 379 -22.86 -22.51 -11.49
N TYR A 380 -22.90 -21.64 -12.50
CA TYR A 380 -23.80 -20.49 -12.47
C TYR A 380 -24.54 -20.26 -13.78
N GLY A 381 -24.32 -21.08 -14.81
CA GLY A 381 -24.98 -20.90 -16.07
C GLY A 381 -26.14 -21.85 -16.26
N VAL A 382 -25.92 -22.90 -17.05
CA VAL A 382 -26.93 -23.90 -17.31
C VAL A 382 -26.69 -25.10 -16.40
N SER A 383 -27.68 -25.97 -16.30
CA SER A 383 -27.52 -27.19 -15.50
C SER A 383 -26.36 -28.01 -16.07
N PRO A 384 -25.40 -28.45 -15.23
CA PRO A 384 -24.23 -29.18 -15.73
C PRO A 384 -24.50 -30.65 -16.04
N THR A 385 -25.60 -30.90 -16.74
CA THR A 385 -25.94 -32.22 -17.25
C THR A 385 -26.28 -32.19 -18.73
N LYS A 386 -26.95 -31.13 -19.19
CA LYS A 386 -27.23 -30.93 -20.60
C LYS A 386 -26.18 -30.09 -21.30
N LEU A 387 -25.14 -29.65 -20.58
CA LEU A 387 -24.12 -28.80 -21.20
C LEU A 387 -23.48 -29.50 -22.39
N ASN A 388 -23.49 -30.83 -22.42
CA ASN A 388 -23.00 -31.59 -23.55
C ASN A 388 -24.00 -31.64 -24.70
N ASP A 389 -25.06 -30.84 -24.65
CA ASP A 389 -26.06 -30.79 -25.70
C ASP A 389 -26.37 -29.38 -26.18
N LEU A 390 -25.74 -28.36 -25.60
CA LEU A 390 -25.91 -26.97 -26.02
C LEU A 390 -24.65 -26.54 -26.76
N CYS A 391 -24.81 -26.09 -28.00
CA CYS A 391 -23.69 -25.73 -28.85
C CYS A 391 -23.57 -24.20 -28.93
N PHE A 392 -22.44 -23.69 -28.47
CA PHE A 392 -22.16 -22.27 -28.39
C PHE A 392 -21.17 -21.88 -29.47
N THR A 393 -20.89 -20.58 -29.55
CA THR A 393 -19.94 -20.10 -30.56
C THR A 393 -18.51 -20.48 -30.20
N ASN A 394 -18.13 -20.35 -28.94
CA ASN A 394 -16.80 -20.75 -28.51
C ASN A 394 -16.72 -20.65 -26.99
N VAL A 395 -15.82 -21.43 -26.40
CA VAL A 395 -15.71 -21.49 -24.94
C VAL A 395 -14.34 -20.98 -24.52
N TYR A 396 -14.33 -20.00 -23.62
CA TYR A 396 -13.11 -19.40 -23.12
C TYR A 396 -12.76 -20.05 -21.78
N ALA A 397 -11.56 -20.62 -21.71
CA ALA A 397 -11.06 -21.26 -20.49
C ALA A 397 -9.98 -20.37 -19.90
N ASP A 398 -10.27 -19.78 -18.75
CA ASP A 398 -9.29 -19.06 -17.96
C ASP A 398 -8.78 -19.97 -16.85
N SER A 399 -7.56 -19.69 -16.38
CA SER A 399 -6.97 -20.50 -15.33
C SER A 399 -6.05 -19.64 -14.47
N PHE A 400 -6.02 -19.92 -13.19
CA PHE A 400 -5.11 -19.22 -12.28
C PHE A 400 -5.07 -19.97 -10.95
N VAL A 401 -4.35 -19.40 -9.99
CA VAL A 401 -4.15 -20.00 -8.67
C VAL A 401 -4.58 -18.99 -7.62
N ILE A 402 -5.18 -19.48 -6.54
CA ILE A 402 -5.73 -18.61 -5.51
C ILE A 402 -5.56 -19.25 -4.14
N ARG A 403 -5.75 -18.44 -3.11
CA ARG A 403 -5.82 -18.93 -1.74
C ARG A 403 -7.07 -19.79 -1.56
N GLY A 404 -6.98 -20.78 -0.68
CA GLY A 404 -8.07 -21.73 -0.54
C GLY A 404 -9.38 -21.06 -0.14
N ASP A 405 -9.34 -20.18 0.85
CA ASP A 405 -10.56 -19.57 1.36
C ASP A 405 -11.25 -18.67 0.35
N GLU A 406 -10.53 -18.21 -0.67
CA GLU A 406 -11.09 -17.29 -1.66
C GLU A 406 -11.77 -17.99 -2.82
N VAL A 407 -11.85 -19.32 -2.81
CA VAL A 407 -12.49 -20.04 -3.90
C VAL A 407 -13.93 -19.61 -4.07
N ARG A 408 -14.55 -19.04 -3.04
CA ARG A 408 -15.92 -18.56 -3.11
C ARG A 408 -16.01 -17.10 -3.55
N GLN A 409 -14.87 -16.45 -3.81
CA GLN A 409 -14.89 -15.09 -4.31
C GLN A 409 -15.12 -15.00 -5.81
N ILE A 410 -14.77 -16.06 -6.55
CA ILE A 410 -14.96 -16.06 -7.99
C ILE A 410 -16.44 -16.04 -8.36
N ALA A 411 -17.32 -16.43 -7.44
CA ALA A 411 -18.74 -16.49 -7.76
C ALA A 411 -19.27 -15.10 -8.10
N PRO A 412 -20.30 -15.01 -8.94
CA PRO A 412 -20.81 -13.70 -9.34
C PRO A 412 -21.33 -12.91 -8.14
N GLY A 413 -21.12 -11.60 -8.16
CA GLY A 413 -21.67 -10.72 -7.16
C GLY A 413 -20.78 -10.50 -5.96
N GLN A 414 -20.39 -11.57 -5.28
CA GLN A 414 -19.62 -11.45 -4.06
C GLN A 414 -18.35 -10.64 -4.29
N THR A 415 -18.09 -9.71 -3.39
CA THR A 415 -16.94 -8.82 -3.47
C THR A 415 -15.89 -9.25 -2.45
N GLY A 416 -14.69 -8.70 -2.62
CA GLY A 416 -13.57 -9.02 -1.75
C GLY A 416 -12.31 -8.33 -2.21
N LYS A 417 -11.20 -9.07 -2.26
CA LYS A 417 -9.93 -8.53 -2.74
C LYS A 417 -9.67 -8.93 -4.19
N ILE A 418 -9.61 -10.23 -4.47
CA ILE A 418 -9.40 -10.68 -5.84
C ILE A 418 -10.66 -10.47 -6.68
N ALA A 419 -11.82 -10.35 -6.05
CA ALA A 419 -13.07 -10.21 -6.80
C ALA A 419 -13.08 -8.94 -7.63
N ASP A 420 -12.59 -7.83 -7.07
CA ASP A 420 -12.67 -6.53 -7.72
C ASP A 420 -11.31 -5.93 -8.05
N TYR A 421 -10.22 -6.68 -7.88
CA TYR A 421 -8.88 -6.18 -8.19
C TYR A 421 -8.05 -7.11 -9.04
N ASN A 422 -8.39 -8.40 -9.14
CA ASN A 422 -7.60 -9.34 -9.91
C ASN A 422 -8.46 -10.10 -10.91
N TYR A 423 -9.73 -10.33 -10.56
CA TYR A 423 -10.62 -11.08 -11.42
C TYR A 423 -12.06 -10.90 -10.97
N LYS A 424 -12.95 -10.55 -11.90
CA LYS A 424 -14.36 -10.33 -11.58
C LYS A 424 -15.22 -11.05 -12.61
N LEU A 425 -16.43 -11.41 -12.19
CA LEU A 425 -17.40 -12.03 -13.06
C LEU A 425 -18.59 -11.10 -13.28
N PRO A 426 -19.20 -11.13 -14.46
CA PRO A 426 -20.37 -10.26 -14.70
C PRO A 426 -21.58 -10.72 -13.91
N ASP A 427 -22.60 -9.87 -13.92
CA ASP A 427 -23.81 -10.15 -13.15
C ASP A 427 -24.50 -11.42 -13.65
N ASP A 428 -24.54 -11.63 -14.97
CA ASP A 428 -25.25 -12.74 -15.58
C ASP A 428 -24.28 -13.73 -16.23
N PHE A 429 -23.18 -14.02 -15.55
CA PHE A 429 -22.21 -14.98 -16.07
C PHE A 429 -22.89 -16.34 -16.26
N THR A 430 -22.63 -16.97 -17.40
CA THR A 430 -23.34 -18.17 -17.81
C THR A 430 -22.35 -19.29 -18.16
N GLY A 431 -21.41 -19.55 -17.26
CA GLY A 431 -20.44 -20.61 -17.42
C GLY A 431 -20.34 -21.46 -16.16
N CYS A 432 -19.13 -21.91 -15.88
CA CYS A 432 -18.88 -22.75 -14.71
C CYS A 432 -17.48 -22.46 -14.18
N VAL A 433 -17.27 -22.82 -12.91
CA VAL A 433 -16.04 -22.50 -12.19
C VAL A 433 -15.55 -23.78 -11.54
N ILE A 434 -14.59 -24.45 -12.17
CA ILE A 434 -13.95 -25.62 -11.60
C ILE A 434 -12.82 -25.15 -10.68
N ALA A 435 -12.59 -25.87 -9.59
CA ALA A 435 -11.48 -25.58 -8.71
C ALA A 435 -11.03 -26.88 -8.05
N TRP A 436 -9.76 -26.94 -7.68
CA TRP A 436 -9.23 -28.13 -7.04
C TRP A 436 -7.92 -27.80 -6.33
N ASN A 437 -7.46 -28.75 -5.53
CA ASN A 437 -6.32 -28.53 -4.65
C ASN A 437 -5.03 -29.00 -5.31
N SER A 438 -3.94 -28.27 -5.02
CA SER A 438 -2.64 -28.60 -5.59
C SER A 438 -1.51 -28.44 -4.58
N ASN A 439 -1.79 -28.59 -3.28
CA ASN A 439 -0.77 -28.36 -2.27
C ASN A 439 0.44 -29.27 -2.46
N ASN A 440 0.28 -30.40 -3.15
CA ASN A 440 1.37 -31.34 -3.34
C ASN A 440 2.26 -30.98 -4.53
N LEU A 441 1.95 -29.92 -5.26
CA LEU A 441 2.69 -29.57 -6.47
C LEU A 441 3.10 -28.11 -6.56
N ASP A 442 2.53 -27.22 -5.78
CA ASP A 442 2.79 -25.78 -5.88
C ASP A 442 3.26 -25.22 -4.55
N SER A 443 4.17 -25.94 -3.89
CA SER A 443 4.78 -25.46 -2.66
C SER A 443 6.04 -26.28 -2.41
N LYS A 444 7.20 -25.64 -2.43
CA LYS A 444 8.46 -26.35 -2.20
C LYS A 444 8.61 -26.61 -0.70
N VAL A 445 9.79 -27.12 -0.31
CA VAL A 445 9.99 -27.51 1.09
C VAL A 445 9.70 -26.34 2.02
N GLY A 446 10.21 -25.16 1.69
CA GLY A 446 9.99 -23.95 2.46
C GLY A 446 8.97 -23.00 1.87
N GLY A 447 8.17 -23.43 0.91
CA GLY A 447 7.21 -22.58 0.27
C GLY A 447 7.81 -21.76 -0.86
N ASN A 448 6.96 -21.39 -1.81
CA ASN A 448 7.37 -20.69 -3.02
C ASN A 448 6.81 -19.28 -3.03
N TYR A 449 7.70 -18.30 -3.16
CA TYR A 449 7.31 -16.89 -3.31
C TYR A 449 7.29 -16.51 -4.79
N ASN A 450 6.47 -17.24 -5.56
CA ASN A 450 6.43 -17.06 -7.01
C ASN A 450 5.08 -16.58 -7.52
N TYR A 451 3.98 -16.90 -6.84
CA TYR A 451 2.65 -16.52 -7.30
C TYR A 451 2.29 -15.15 -6.73
N LEU A 452 2.19 -14.16 -7.60
CA LEU A 452 1.85 -12.81 -7.20
C LEU A 452 0.35 -12.56 -7.38
N TYR A 453 -0.13 -11.48 -6.78
CA TYR A 453 -1.50 -11.04 -6.99
C TYR A 453 -1.63 -9.59 -6.57
N ARG A 454 -2.64 -8.93 -7.14
CA ARG A 454 -2.85 -7.52 -6.88
C ARG A 454 -3.54 -7.30 -5.54
N LEU A 455 -3.20 -6.19 -4.90
CA LEU A 455 -3.80 -5.82 -3.63
C LEU A 455 -4.22 -4.36 -3.57
N PHE A 456 -3.95 -3.58 -4.62
CA PHE A 456 -4.36 -2.19 -4.67
C PHE A 456 -4.67 -1.82 -6.11
N ARG A 457 -5.57 -0.85 -6.27
CA ARG A 457 -5.94 -0.37 -7.60
C ARG A 457 -6.73 0.92 -7.45
N LYS A 458 -6.81 1.66 -8.56
CA LYS A 458 -7.56 2.92 -8.53
C LYS A 458 -9.03 2.68 -8.21
N SER A 459 -9.63 1.67 -8.83
CA SER A 459 -11.04 1.38 -8.64
C SER A 459 -11.30 -0.06 -9.04
N ASN A 460 -12.56 -0.48 -8.92
CA ASN A 460 -12.95 -1.86 -9.22
C ASN A 460 -12.73 -2.16 -10.70
N LEU A 461 -12.97 -3.41 -11.10
CA LEU A 461 -12.73 -3.86 -12.46
C LEU A 461 -14.05 -4.24 -13.12
N LYS A 462 -14.19 -3.87 -14.39
CA LYS A 462 -15.29 -4.37 -15.20
C LYS A 462 -15.04 -5.84 -15.54
N PRO A 463 -16.10 -6.58 -15.89
CA PRO A 463 -15.94 -8.03 -16.13
C PRO A 463 -14.93 -8.31 -17.24
N PHE A 464 -14.14 -9.35 -17.03
CA PHE A 464 -13.23 -9.89 -18.05
C PHE A 464 -12.35 -8.80 -18.66
N GLU A 465 -11.50 -8.23 -17.80
CA GLU A 465 -10.48 -7.28 -18.25
C GLU A 465 -9.20 -7.54 -17.47
N ARG A 466 -8.13 -7.88 -18.19
CA ARG A 466 -6.83 -8.05 -17.56
C ARG A 466 -6.30 -6.70 -17.09
N ASP A 467 -5.39 -6.75 -16.11
CA ASP A 467 -4.79 -5.54 -15.55
C ASP A 467 -3.28 -5.70 -15.43
N ILE A 468 -2.65 -6.38 -16.38
CA ILE A 468 -1.20 -6.53 -16.37
C ILE A 468 -0.57 -5.15 -16.37
N SER A 469 0.15 -4.83 -15.31
CA SER A 469 0.77 -3.52 -15.17
C SER A 469 1.73 -3.56 -13.98
N THR A 470 2.55 -2.52 -13.89
CA THR A 470 3.51 -2.41 -12.80
C THR A 470 3.57 -0.98 -12.23
N GLU A 471 2.81 -0.04 -12.77
CA GLU A 471 2.88 1.33 -12.29
C GLU A 471 2.58 1.40 -10.80
N ILE A 472 3.35 2.22 -10.09
CA ILE A 472 3.24 2.28 -8.63
C ILE A 472 1.91 2.90 -8.24
N TYR A 473 1.39 2.48 -7.08
CA TYR A 473 0.12 2.95 -6.57
C TYR A 473 0.33 4.01 -5.50
N GLN A 474 -0.61 4.96 -5.43
CA GLN A 474 -0.61 5.98 -4.39
C GLN A 474 -1.96 5.93 -3.67
N ALA A 475 -1.90 5.90 -2.34
CA ALA A 475 -3.09 5.74 -1.51
C ALA A 475 -3.45 6.99 -0.73
N GLY A 476 -2.52 7.51 0.07
CA GLY A 476 -2.80 8.63 0.94
C GLY A 476 -2.75 9.97 0.23
N SER A 477 -1.58 10.33 -0.29
CA SER A 477 -1.38 11.64 -0.89
C SER A 477 -0.07 11.64 -1.65
N THR A 478 0.12 12.66 -2.47
CA THR A 478 1.37 12.87 -3.21
C THR A 478 1.54 11.78 -4.27
N PRO A 479 2.25 12.07 -5.36
CA PRO A 479 2.48 11.06 -6.40
C PRO A 479 3.63 10.13 -6.02
N CYS A 480 3.89 9.17 -6.91
CA CYS A 480 4.97 8.21 -6.74
C CYS A 480 5.74 8.16 -8.06
N ASN A 481 6.78 8.98 -8.15
CA ASN A 481 7.60 9.06 -9.37
C ASN A 481 8.67 7.98 -9.31
N GLY A 482 8.26 6.76 -9.66
CA GLY A 482 9.17 5.63 -9.67
C GLY A 482 9.81 5.38 -8.32
N VAL A 483 8.99 5.42 -7.26
CA VAL A 483 9.44 5.23 -5.90
C VAL A 483 8.60 4.12 -5.27
N GLU A 484 8.92 3.80 -4.01
CA GLU A 484 8.22 2.73 -3.31
C GLU A 484 8.19 3.02 -1.82
N GLY A 485 7.09 2.65 -1.18
CA GLY A 485 6.96 2.77 0.26
C GLY A 485 6.26 4.05 0.67
N PHE A 486 5.70 4.01 1.88
CA PHE A 486 5.04 5.16 2.51
C PHE A 486 4.07 5.84 1.53
N ASN A 487 3.01 5.10 1.21
CA ASN A 487 1.97 5.51 0.27
C ASN A 487 2.42 5.34 -1.17
N CYS A 488 3.46 4.55 -1.40
CA CYS A 488 3.90 4.14 -2.72
C CYS A 488 4.09 2.64 -2.75
N TYR A 489 3.10 1.92 -2.21
CA TYR A 489 3.22 0.47 -2.08
C TYR A 489 3.31 -0.18 -3.45
N PHE A 490 4.10 -1.25 -3.53
CA PHE A 490 4.17 -2.01 -4.78
C PHE A 490 2.82 -2.66 -5.02
N PRO A 491 2.24 -2.51 -6.22
CA PRO A 491 0.85 -2.96 -6.43
C PRO A 491 0.67 -4.46 -6.28
N LEU A 492 1.73 -5.25 -6.41
CA LEU A 492 1.63 -6.71 -6.40
C LEU A 492 2.30 -7.28 -5.16
N GLN A 493 1.69 -8.31 -4.57
CA GLN A 493 2.20 -8.97 -3.39
C GLN A 493 2.18 -10.48 -3.60
N SER A 494 3.15 -11.16 -2.97
CA SER A 494 3.25 -12.60 -3.08
C SER A 494 2.33 -13.28 -2.06
N TYR A 495 2.08 -14.56 -2.28
CA TYR A 495 1.22 -15.34 -1.39
C TYR A 495 1.97 -15.92 -0.20
N GLY A 496 3.12 -16.55 -0.46
CA GLY A 496 3.84 -17.25 0.59
C GLY A 496 3.17 -18.57 0.93
N PHE A 497 3.17 -19.50 -0.03
CA PHE A 497 2.50 -20.78 0.13
C PHE A 497 3.40 -21.73 0.91
N GLN A 498 3.16 -21.85 2.21
CA GLN A 498 3.90 -22.79 3.05
C GLN A 498 3.14 -24.10 3.14
N PRO A 499 3.75 -25.26 2.82
CA PRO A 499 3.03 -26.54 2.82
C PRO A 499 2.84 -27.12 4.23
N THR A 500 2.44 -26.27 5.17
CA THR A 500 2.18 -26.72 6.54
C THR A 500 0.96 -26.03 7.14
N ASN A 501 0.10 -25.45 6.31
CA ASN A 501 -1.04 -24.66 6.76
C ASN A 501 -2.33 -25.43 6.52
N GLY A 502 -3.44 -24.85 7.01
CA GLY A 502 -4.73 -25.41 6.77
C GLY A 502 -5.15 -25.26 5.32
N VAL A 503 -6.28 -25.91 4.99
CA VAL A 503 -6.75 -25.91 3.60
C VAL A 503 -6.95 -24.48 3.12
N GLY A 504 -7.49 -23.61 3.97
CA GLY A 504 -7.79 -22.25 3.54
C GLY A 504 -6.59 -21.53 2.97
N TYR A 505 -5.39 -21.83 3.46
CA TYR A 505 -4.17 -21.17 3.02
C TYR A 505 -3.37 -22.01 2.03
N GLN A 506 -3.95 -23.07 1.47
CA GLN A 506 -3.25 -23.89 0.49
C GLN A 506 -3.60 -23.44 -0.92
N PRO A 507 -2.71 -23.70 -1.90
CA PRO A 507 -2.96 -23.24 -3.27
C PRO A 507 -4.06 -24.03 -3.94
N TYR A 508 -5.12 -23.35 -4.34
CA TYR A 508 -6.14 -23.94 -5.19
C TYR A 508 -5.94 -23.48 -6.62
N ARG A 509 -5.94 -24.45 -7.55
CA ARG A 509 -5.92 -24.16 -8.97
C ARG A 509 -7.36 -24.10 -9.46
N VAL A 510 -7.71 -23.00 -10.11
CA VAL A 510 -9.08 -22.72 -10.51
C VAL A 510 -9.12 -22.44 -12.00
N VAL A 511 -10.13 -22.99 -12.66
CA VAL A 511 -10.38 -22.80 -14.08
C VAL A 511 -11.81 -22.29 -14.24
N VAL A 512 -12.00 -21.37 -15.17
CA VAL A 512 -13.30 -20.78 -15.44
C VAL A 512 -13.64 -21.06 -16.90
N LEU A 513 -14.74 -21.76 -17.13
CA LEU A 513 -15.22 -22.08 -18.47
C LEU A 513 -16.41 -21.19 -18.77
N SER A 514 -16.22 -20.19 -19.62
CA SER A 514 -17.27 -19.27 -20.01
C SER A 514 -17.68 -19.58 -21.45
N PHE A 515 -18.91 -20.03 -21.62
CA PHE A 515 -19.44 -20.25 -22.96
C PHE A 515 -19.78 -18.90 -23.59
N GLU A 516 -19.76 -18.87 -24.92
CA GLU A 516 -20.12 -17.66 -25.65
C GLU A 516 -20.87 -18.04 -26.92
N LEU A 517 -22.04 -17.42 -27.08
CA LEU A 517 -22.89 -17.60 -28.24
C LEU A 517 -22.93 -16.29 -29.02
N LEU A 518 -22.92 -16.40 -30.34
CA LEU A 518 -22.83 -15.24 -31.21
C LEU A 518 -23.62 -15.50 -32.48
N HIS A 519 -23.88 -14.43 -33.23
CA HIS A 519 -24.60 -14.57 -34.48
C HIS A 519 -23.87 -15.48 -35.46
N ALA A 520 -22.56 -15.67 -35.27
CA ALA A 520 -21.82 -16.62 -36.07
C ALA A 520 -22.23 -18.05 -35.72
N PRO A 521 -22.04 -19.00 -36.64
CA PRO A 521 -22.46 -20.37 -36.36
C PRO A 521 -21.68 -20.99 -35.21
N ALA A 522 -22.36 -21.88 -34.48
CA ALA A 522 -21.73 -22.58 -33.37
C ALA A 522 -20.87 -23.73 -33.88
N THR A 523 -19.81 -24.02 -33.13
CA THR A 523 -18.87 -25.07 -33.54
C THR A 523 -18.33 -25.92 -32.40
N VAL A 524 -18.77 -25.72 -31.16
CA VAL A 524 -18.25 -26.44 -30.01
C VAL A 524 -19.41 -26.95 -29.16
N CYS A 525 -19.45 -28.25 -28.92
CA CYS A 525 -20.40 -28.86 -27.99
C CYS A 525 -20.16 -30.36 -27.91
N GLY A 526 -20.69 -30.96 -26.85
CA GLY A 526 -20.39 -32.31 -26.48
C GLY A 526 -20.70 -33.33 -27.56
N PRO A 527 -20.13 -34.52 -27.43
CA PRO A 527 -20.33 -35.54 -28.46
C PRO A 527 -21.77 -36.03 -28.51
N LYS A 528 -22.18 -36.41 -29.71
CA LYS A 528 -23.49 -37.03 -29.92
C LYS A 528 -23.29 -38.54 -29.84
N LYS A 529 -23.91 -39.17 -28.84
CA LYS A 529 -23.68 -40.58 -28.59
C LYS A 529 -24.05 -41.42 -29.81
N SER A 530 -23.56 -42.65 -29.83
CA SER A 530 -23.75 -43.55 -30.95
C SER A 530 -24.33 -44.88 -30.47
N THR A 531 -24.99 -45.57 -31.38
CA THR A 531 -25.60 -46.85 -31.09
C THR A 531 -25.65 -47.69 -32.36
N ASN A 532 -25.81 -48.99 -32.18
CA ASN A 532 -25.87 -49.92 -33.30
C ASN A 532 -26.92 -49.48 -34.33
N GLN B 27 5.48 17.85 -9.57
CA GLN B 27 6.08 17.05 -8.47
C GLN B 27 5.41 17.44 -7.14
N VAL B 28 6.19 17.94 -6.19
CA VAL B 28 5.68 18.34 -4.87
C VAL B 28 6.44 19.58 -4.44
N GLN B 29 5.72 20.60 -3.99
CA GLN B 29 6.38 21.81 -3.53
C GLN B 29 5.61 22.42 -2.35
N LEU B 30 6.34 23.18 -1.54
CA LEU B 30 5.78 23.82 -0.36
C LEU B 30 6.55 25.10 -0.08
N VAL B 31 5.84 26.14 0.34
CA VAL B 31 6.47 27.42 0.66
C VAL B 31 5.75 28.05 1.84
N GLU B 32 6.41 29.01 2.48
CA GLU B 32 5.84 29.74 3.60
C GLU B 32 6.11 31.22 3.43
N SER B 33 5.27 32.04 4.07
CA SER B 33 5.46 33.48 4.06
C SER B 33 4.60 34.07 5.19
N GLY B 34 4.74 35.38 5.38
CA GLY B 34 3.95 36.10 6.36
C GLY B 34 4.67 36.49 7.64
N GLY B 35 5.99 36.32 7.70
CA GLY B 35 6.75 36.69 8.87
C GLY B 35 6.98 38.19 8.96
N GLY B 36 7.56 38.60 10.08
CA GLY B 36 7.84 40.01 10.29
C GLY B 36 8.57 40.23 11.60
N LEU B 37 8.96 41.47 11.83
CA LEU B 37 9.65 41.90 13.02
C LEU B 37 8.80 42.98 13.70
N VAL B 38 8.05 42.59 14.71
CA VAL B 38 7.06 43.47 15.33
C VAL B 38 7.20 43.40 16.85
N LYS B 39 6.64 44.41 17.52
CA LYS B 39 6.58 44.39 18.97
C LYS B 39 5.61 43.33 19.45
N PRO B 40 5.81 42.78 20.65
CA PRO B 40 4.87 41.80 21.18
C PRO B 40 3.46 42.36 21.23
N GLY B 41 2.50 41.53 20.84
CA GLY B 41 1.10 41.89 20.89
C GLY B 41 0.45 42.01 19.52
N GLY B 42 1.19 42.54 18.55
CA GLY B 42 0.60 42.77 17.24
C GLY B 42 0.17 41.47 16.59
N SER B 43 -0.97 41.53 15.91
CA SER B 43 -1.47 40.37 15.18
C SER B 43 -0.54 40.02 14.02
N LEU B 44 -0.34 38.72 13.79
CA LEU B 44 0.55 38.26 12.73
C LEU B 44 -0.02 37.00 12.10
N ARG B 45 0.09 36.93 10.77
CA ARG B 45 -0.42 35.85 9.96
C ARG B 45 0.73 35.16 9.24
N LEU B 46 0.71 33.82 9.25
CA LEU B 46 1.65 33.01 8.49
C LEU B 46 0.87 32.15 7.51
N SER B 47 1.24 32.23 6.23
CA SER B 47 0.57 31.47 5.17
C SER B 47 1.56 30.46 4.60
N CYS B 48 1.20 29.18 4.67
CA CYS B 48 1.95 28.12 4.02
C CYS B 48 1.16 27.65 2.81
N ALA B 49 1.79 27.72 1.64
CA ALA B 49 1.15 27.38 0.37
C ALA B 49 1.75 26.09 -0.17
N ALA B 50 0.87 25.15 -0.51
CA ALA B 50 1.26 23.85 -1.05
C ALA B 50 1.09 23.90 -2.57
N SER B 51 2.16 23.59 -3.30
CA SER B 51 2.17 23.67 -4.75
C SER B 51 2.20 22.27 -5.33
N GLY B 52 1.05 21.85 -5.86
CA GLY B 52 0.96 20.76 -6.82
C GLY B 52 1.25 19.34 -6.36
N PHE B 53 0.78 18.94 -5.18
CA PHE B 53 0.58 17.53 -4.90
C PHE B 53 -0.88 17.22 -4.54
N THR B 54 -1.41 17.85 -3.49
CA THR B 54 -2.82 17.73 -3.12
C THR B 54 -3.04 18.55 -1.85
N PHE B 55 -4.27 19.02 -1.63
CA PHE B 55 -4.55 19.75 -0.40
C PHE B 55 -5.82 19.28 0.28
N ASN B 56 -6.79 18.81 -0.48
CA ASN B 56 -8.11 18.52 0.04
C ASN B 56 -8.26 17.11 0.61
N ASN B 57 -7.27 16.25 0.42
CA ASN B 57 -7.35 14.86 0.88
C ASN B 57 -6.23 14.50 1.85
N ALA B 58 -5.60 15.49 2.47
CA ALA B 58 -4.51 15.23 3.40
C ALA B 58 -4.52 16.30 4.49
N TRP B 59 -3.93 15.94 5.64
CA TRP B 59 -3.80 16.88 6.75
C TRP B 59 -2.63 17.82 6.49
N MET B 60 -2.29 18.61 7.50
CA MET B 60 -1.17 19.55 7.40
C MET B 60 -0.74 19.90 8.81
N SER B 61 0.57 20.14 8.98
CA SER B 61 1.13 20.31 10.31
C SER B 61 2.10 21.48 10.32
N TRP B 62 2.30 22.04 11.52
CA TRP B 62 3.27 23.09 11.78
C TRP B 62 4.16 22.66 12.92
N VAL B 63 5.47 22.90 12.75
CA VAL B 63 6.49 22.48 13.71
C VAL B 63 7.46 23.62 13.94
N ARG B 64 8.16 23.56 15.08
CA ARG B 64 9.13 24.56 15.49
C ARG B 64 10.53 23.96 15.46
N GLN B 65 11.51 24.81 15.15
CA GLN B 65 12.93 24.45 15.15
C GLN B 65 13.69 25.68 15.66
N ALA B 66 13.95 25.72 16.95
CA ALA B 66 14.65 26.84 17.54
C ALA B 66 16.14 26.77 17.22
N PRO B 67 16.82 27.92 17.07
CA PRO B 67 18.25 27.89 16.76
C PRO B 67 19.03 27.21 17.88
N GLY B 68 20.01 26.40 17.47
CA GLY B 68 20.81 25.67 18.44
C GLY B 68 19.97 24.78 19.34
N LYS B 69 18.95 24.15 18.79
CA LYS B 69 18.02 23.36 19.58
C LYS B 69 17.34 22.34 18.68
N GLY B 70 16.76 21.31 19.30
CA GLY B 70 16.02 20.31 18.56
C GLY B 70 14.60 20.76 18.29
N LEU B 71 14.13 20.43 17.08
CA LEU B 71 12.77 20.78 16.68
C LEU B 71 11.75 20.28 17.70
N GLU B 72 10.60 20.94 17.74
CA GLU B 72 9.57 20.64 18.73
C GLU B 72 8.19 20.84 18.11
N TRP B 73 7.21 20.14 18.67
CA TRP B 73 5.84 20.19 18.16
C TRP B 73 5.25 21.58 18.29
N VAL B 74 4.41 21.95 17.32
CA VAL B 74 3.67 23.20 17.34
C VAL B 74 2.17 22.96 17.19
N GLY B 75 1.77 22.19 16.20
CA GLY B 75 0.38 21.77 16.13
C GLY B 75 -0.04 21.35 14.75
N ARG B 76 -1.05 20.48 14.71
CA ARG B 76 -1.65 20.00 13.48
C ARG B 76 -3.17 20.12 13.57
N ILE B 77 -3.81 20.11 12.41
CA ILE B 77 -5.26 20.13 12.32
C ILE B 77 -5.71 19.07 11.33
N LYS B 78 -6.98 18.70 11.42
CA LYS B 78 -7.53 17.64 10.57
C LYS B 78 -7.85 18.21 9.19
N SER B 79 -8.49 17.39 8.34
CA SER B 79 -8.70 17.77 6.94
C SER B 79 -10.15 17.56 6.51
N LYS B 80 -10.38 17.62 5.19
CA LYS B 80 -11.69 17.40 4.60
C LYS B 80 -12.77 18.26 5.25
N THR B 81 -12.40 19.47 5.63
CA THR B 81 -13.31 20.48 6.16
C THR B 81 -14.33 19.86 7.11
N ASP B 82 -13.82 19.08 8.06
CA ASP B 82 -14.67 18.43 9.04
C ASP B 82 -15.01 19.35 10.22
N GLY B 83 -14.45 20.56 10.24
CA GLY B 83 -14.66 21.47 11.35
C GLY B 83 -13.37 21.79 12.07
N GLY B 84 -12.36 20.93 11.89
CA GLY B 84 -11.07 21.13 12.51
C GLY B 84 -10.95 20.45 13.86
N THR B 85 -9.80 19.80 14.10
CA THR B 85 -9.55 19.18 15.40
C THR B 85 -8.84 20.10 16.36
N THR B 86 -8.21 21.17 15.87
CA THR B 86 -7.56 22.16 16.72
C THR B 86 -6.63 21.50 17.74
N ASP B 87 -5.81 20.57 17.24
CA ASP B 87 -4.87 19.84 18.08
C ASP B 87 -3.66 20.74 18.40
N TYR B 88 -3.91 21.75 19.23
CA TYR B 88 -2.86 22.66 19.64
C TYR B 88 -1.85 21.93 20.52
N ALA B 89 -0.58 22.33 20.38
CA ALA B 89 0.49 21.70 21.13
C ALA B 89 0.54 22.20 22.56
N ALA B 90 1.12 21.37 23.43
CA ALA B 90 1.20 21.73 24.85
C ALA B 90 2.04 22.99 25.09
N PRO B 91 3.26 23.12 24.57
CA PRO B 91 4.09 24.27 24.95
C PRO B 91 3.51 25.62 24.56
N VAL B 92 2.60 25.68 23.59
CA VAL B 92 2.07 26.95 23.11
C VAL B 92 0.55 26.95 23.27
N LYS B 93 0.05 26.28 24.31
CA LYS B 93 -1.39 26.21 24.53
C LYS B 93 -1.98 27.61 24.67
N GLY B 94 -3.09 27.83 23.97
CA GLY B 94 -3.83 29.08 24.10
C GLY B 94 -3.04 30.30 23.67
N ARG B 95 -2.28 30.20 22.59
CA ARG B 95 -1.56 31.34 22.05
C ARG B 95 -1.69 31.49 20.53
N PHE B 96 -1.96 30.41 19.79
CA PHE B 96 -1.98 30.41 18.34
C PHE B 96 -3.28 29.79 17.87
N THR B 97 -3.64 30.04 16.61
CA THR B 97 -4.79 29.37 16.01
C THR B 97 -4.49 29.01 14.57
N PHE B 98 -5.17 27.97 14.09
CA PHE B 98 -4.91 27.37 12.78
C PHE B 98 -6.18 27.42 11.94
N SER B 99 -6.00 27.45 10.61
CA SER B 99 -7.16 27.39 9.71
C SER B 99 -6.69 26.97 8.33
N ARG B 100 -7.31 25.92 7.78
CA ARG B 100 -6.98 25.44 6.44
C ARG B 100 -7.93 26.09 5.44
N ASP B 101 -7.44 27.08 4.70
CA ASP B 101 -8.22 27.73 3.66
C ASP B 101 -8.25 26.82 2.45
N ASP B 102 -9.36 26.09 2.28
CA ASP B 102 -9.46 25.15 1.17
C ASP B 102 -9.69 25.85 -0.17
N SER B 103 -10.33 27.02 -0.16
CA SER B 103 -10.61 27.72 -1.41
C SER B 103 -9.31 28.01 -2.16
N LYS B 104 -8.33 28.60 -1.48
CA LYS B 104 -7.03 28.87 -2.07
C LYS B 104 -6.01 27.76 -1.81
N ASN B 105 -6.39 26.73 -1.05
CA ASN B 105 -5.51 25.60 -0.75
C ASN B 105 -4.22 26.09 -0.06
N THR B 106 -4.42 26.63 1.14
CA THR B 106 -3.31 27.13 1.94
C THR B 106 -3.63 26.94 3.41
N LEU B 107 -2.62 27.15 4.26
CA LEU B 107 -2.77 27.07 5.70
C LEU B 107 -2.42 28.40 6.33
N TYR B 108 -3.31 28.91 7.18
CA TYR B 108 -3.13 30.18 7.86
C TYR B 108 -2.94 29.91 9.35
N LEU B 109 -1.88 30.46 9.92
CA LEU B 109 -1.60 30.39 11.35
C LEU B 109 -1.58 31.81 11.89
N GLN B 110 -2.42 32.08 12.89
CA GLN B 110 -2.56 33.40 13.48
C GLN B 110 -1.98 33.40 14.88
N MET B 111 -1.16 34.41 15.17
CA MET B 111 -0.63 34.62 16.51
C MET B 111 -0.79 36.09 16.89
N SER B 112 -1.05 36.33 18.18
CA SER B 112 -1.27 37.68 18.69
C SER B 112 -0.19 38.11 19.66
N SER B 113 0.06 37.34 20.72
CA SER B 113 1.00 37.74 21.78
C SER B 113 2.33 37.06 21.54
N LEU B 114 3.25 37.76 20.88
CA LEU B 114 4.59 37.24 20.65
C LEU B 114 5.42 37.30 21.94
N LYS B 115 6.40 36.41 22.02
CA LYS B 115 7.31 36.36 23.15
C LYS B 115 8.72 36.08 22.66
N THR B 116 9.70 36.50 23.47
CA THR B 116 11.10 36.31 23.09
C THR B 116 11.46 34.85 22.96
N GLU B 117 10.94 34.00 23.85
CA GLU B 117 11.24 32.58 23.80
C GLU B 117 10.68 31.89 22.56
N ASP B 118 9.79 32.56 21.82
CA ASP B 118 9.20 32.00 20.61
C ASP B 118 10.00 32.33 19.36
N THR B 119 11.17 32.95 19.50
CA THR B 119 12.02 33.29 18.36
C THR B 119 12.67 32.02 17.84
N ALA B 120 11.87 31.21 17.13
CA ALA B 120 12.33 29.95 16.59
C ALA B 120 11.85 29.80 15.16
N LEU B 121 12.62 29.07 14.36
CA LEU B 121 12.24 28.82 12.98
C LEU B 121 10.94 28.03 12.94
N TYR B 122 10.10 28.30 11.93
CA TYR B 122 8.81 27.66 11.80
C TYR B 122 8.73 26.92 10.47
N TYR B 123 8.21 25.70 10.50
CA TYR B 123 8.12 24.83 9.33
C TYR B 123 6.69 24.34 9.17
N CYS B 124 6.24 24.25 7.92
CA CYS B 124 4.96 23.62 7.61
C CYS B 124 5.24 22.35 6.83
N THR B 125 4.53 21.27 7.18
CA THR B 125 4.86 19.95 6.68
C THR B 125 3.58 19.17 6.41
N THR B 126 3.72 18.11 5.61
CA THR B 126 2.62 17.21 5.30
C THR B 126 2.65 16.01 6.24
N ALA B 127 1.54 15.77 6.93
CA ALA B 127 1.43 14.67 7.88
C ALA B 127 0.19 13.86 7.55
N ASP B 128 0.35 12.54 7.45
CA ASP B 128 -0.77 11.64 7.21
C ASP B 128 -0.29 10.22 7.44
N TYR B 129 -1.11 9.43 8.14
CA TYR B 129 -0.73 8.08 8.50
C TYR B 129 -0.83 7.14 7.29
N ASP B 130 -0.02 6.09 7.31
CA ASP B 130 0.08 5.16 6.19
C ASP B 130 -1.14 4.24 6.19
N ILE B 131 -1.12 3.23 5.32
CA ILE B 131 -2.21 2.28 5.18
C ILE B 131 -1.80 0.91 5.72
N LEU B 132 -0.63 0.41 5.33
CA LEU B 132 -0.21 -0.92 5.74
C LEU B 132 0.15 -0.95 7.22
N THR B 133 1.12 -0.12 7.63
CA THR B 133 1.56 -0.09 9.01
C THR B 133 0.79 0.91 9.86
N GLY B 134 0.22 1.95 9.26
CA GLY B 134 -0.56 2.91 10.01
C GLY B 134 0.25 3.69 11.04
N THR B 135 1.47 4.08 10.69
CA THR B 135 2.31 4.87 11.57
C THR B 135 2.42 6.29 11.02
N PRO B 136 1.88 7.30 11.70
CA PRO B 136 2.00 8.67 11.19
C PRO B 136 3.45 9.11 11.07
N ALA B 137 3.71 9.92 10.03
CA ALA B 137 5.01 10.54 9.83
C ALA B 137 4.82 11.75 8.94
N SER B 138 5.84 12.60 8.89
CA SER B 138 5.77 13.91 8.24
C SER B 138 6.87 14.05 7.19
N PRO B 139 6.64 13.56 5.98
CA PRO B 139 7.57 13.81 4.88
C PRO B 139 7.20 15.09 4.12
N TYR B 140 8.04 15.43 3.15
CA TYR B 140 7.82 16.56 2.25
C TYR B 140 7.66 17.85 3.06
N TRP B 141 8.75 18.23 3.73
CA TRP B 141 8.74 19.42 4.54
C TRP B 141 8.91 20.68 3.69
N GLY B 142 8.49 21.81 4.26
CA GLY B 142 8.64 23.10 3.61
C GLY B 142 10.01 23.71 3.84
N GLN B 143 10.22 24.87 3.21
CA GLN B 143 11.51 25.55 3.33
C GLN B 143 11.67 26.25 4.67
N GLY B 144 10.58 26.72 5.27
CA GLY B 144 10.64 27.32 6.58
C GLY B 144 10.47 28.83 6.52
N THR B 145 9.99 29.40 7.62
CA THR B 145 9.77 30.83 7.75
C THR B 145 10.40 31.31 9.04
N LEU B 146 11.22 32.36 8.96
CA LEU B 146 11.96 32.86 10.10
C LEU B 146 11.15 33.91 10.84
N VAL B 147 11.08 33.76 12.16
CA VAL B 147 10.34 34.69 13.03
C VAL B 147 11.34 35.31 14.00
N THR B 148 11.38 36.64 14.03
CA THR B 148 12.29 37.38 14.90
C THR B 148 11.56 38.56 15.52
N VAL B 149 11.78 38.76 16.82
CA VAL B 149 11.18 39.85 17.56
C VAL B 149 12.29 40.59 18.32
N SER B 150 12.37 41.90 18.14
CA SER B 150 13.37 42.70 18.83
C SER B 150 12.85 44.14 18.88
N SER B 151 12.55 44.61 20.08
CA SER B 151 12.02 45.96 20.28
C SER B 151 12.95 47.00 19.63
N ASP C 27 -0.59 12.72 29.06
CA ASP C 27 0.50 13.32 28.23
C ASP C 27 1.57 12.28 27.95
N ILE C 28 2.66 12.70 27.29
CA ILE C 28 3.71 11.79 26.84
C ILE C 28 5.07 12.43 27.09
N GLN C 29 6.04 11.60 27.47
CA GLN C 29 7.41 12.01 27.68
C GLN C 29 8.34 10.95 27.11
N MET C 30 9.58 11.34 26.83
CA MET C 30 10.54 10.43 26.25
C MET C 30 11.95 10.92 26.56
N THR C 31 12.91 10.00 26.43
CA THR C 31 14.30 10.25 26.81
C THR C 31 15.21 10.09 25.59
N GLN C 32 16.13 11.04 25.44
CA GLN C 32 17.03 11.11 24.29
C GLN C 32 18.46 11.36 24.75
N SER C 33 18.94 10.53 25.69
CA SER C 33 20.29 10.68 26.20
C SER C 33 21.36 10.81 25.13
N PRO C 34 21.35 10.03 24.04
CA PRO C 34 22.44 10.14 23.06
C PRO C 34 22.40 11.44 22.29
N SER C 35 22.91 12.51 22.89
CA SER C 35 22.91 13.84 22.28
C SER C 35 24.10 14.09 21.38
N SER C 36 25.14 13.25 21.44
CA SER C 36 26.31 13.44 20.58
C SER C 36 27.07 12.12 20.53
N LEU C 37 27.14 11.50 19.36
CA LEU C 37 27.82 10.21 19.20
C LEU C 37 28.45 10.18 17.80
N SER C 38 29.74 10.50 17.73
CA SER C 38 30.50 10.41 16.49
C SER C 38 31.85 9.79 16.79
N ALA C 39 32.43 9.16 15.77
CA ALA C 39 33.69 8.45 15.95
C ALA C 39 34.37 8.33 14.58
N SER C 40 35.38 7.46 14.50
CA SER C 40 36.09 7.27 13.24
C SER C 40 35.13 6.88 12.13
N VAL C 41 35.30 7.51 10.96
CA VAL C 41 34.42 7.23 9.84
C VAL C 41 34.50 5.77 9.46
N GLY C 42 33.34 5.15 9.24
CA GLY C 42 33.27 3.76 8.86
C GLY C 42 32.91 2.80 9.97
N ASP C 43 32.60 3.29 11.17
CA ASP C 43 32.27 2.43 12.30
C ASP C 43 30.77 2.15 12.33
N ARG C 44 30.36 1.34 13.30
CA ARG C 44 28.96 0.94 13.45
C ARG C 44 28.26 1.90 14.41
N VAL C 45 28.05 3.12 13.93
CA VAL C 45 27.41 4.15 14.75
C VAL C 45 25.97 3.73 15.06
N THR C 46 25.49 4.16 16.22
CA THR C 46 24.12 3.86 16.63
C THR C 46 23.61 4.96 17.55
N ILE C 47 22.29 5.10 17.58
CA ILE C 47 21.60 6.08 18.41
C ILE C 47 20.37 5.43 19.01
N THR C 48 20.13 5.67 20.29
CA THR C 48 19.01 5.10 21.01
C THR C 48 17.84 6.08 21.08
N CYS C 49 16.66 5.54 21.36
CA CYS C 49 15.45 6.34 21.57
C CYS C 49 14.57 5.57 22.54
N ARG C 50 14.44 6.08 23.76
CA ARG C 50 13.71 5.41 24.83
C ARG C 50 12.56 6.29 25.29
N ALA C 51 11.44 5.65 25.63
CA ALA C 51 10.26 6.34 26.12
C ALA C 51 9.72 5.62 27.36
N SER C 52 9.13 6.39 28.27
CA SER C 52 8.53 5.79 29.45
C SER C 52 7.21 5.11 29.13
N GLN C 53 6.35 5.77 28.35
CA GLN C 53 5.03 5.24 28.03
C GLN C 53 5.10 4.31 26.82
N SER C 54 4.00 3.60 26.58
CA SER C 54 3.92 2.61 25.52
C SER C 54 3.38 3.25 24.25
N ILE C 55 4.10 3.05 23.14
CA ILE C 55 3.66 3.58 21.84
C ILE C 55 3.67 2.52 20.75
N THR C 56 4.36 1.39 20.93
CA THR C 56 4.46 0.35 19.91
C THR C 56 5.32 0.82 18.75
N ASN C 57 4.80 0.77 17.52
CA ASN C 57 5.57 1.08 16.32
C ASN C 57 5.18 2.41 15.69
N TYR C 58 4.56 3.32 16.45
CA TYR C 58 4.12 4.61 15.93
C TYR C 58 5.21 5.63 16.22
N LEU C 59 6.15 5.77 15.28
CA LEU C 59 7.33 6.61 15.48
C LEU C 59 8.13 6.61 14.18
N ASN C 60 9.08 7.56 14.09
CA ASN C 60 9.84 7.79 12.87
C ASN C 60 11.19 8.42 13.21
N TRP C 61 12.07 8.45 12.21
CA TRP C 61 13.39 9.06 12.33
C TRP C 61 13.69 9.90 11.08
N TYR C 62 14.27 11.07 11.31
CA TYR C 62 14.52 12.07 10.28
C TYR C 62 16.00 12.41 10.27
N GLN C 63 16.45 12.98 9.14
CA GLN C 63 17.82 13.43 8.97
C GLN C 63 17.83 14.89 8.56
N GLN C 64 18.78 15.65 9.11
CA GLN C 64 18.93 17.07 8.77
C GLN C 64 20.41 17.36 8.62
N LYS C 65 20.81 17.75 7.40
CA LYS C 65 22.17 18.22 7.19
C LYS C 65 22.27 19.71 7.48
N PRO C 66 23.45 20.22 7.82
CA PRO C 66 23.58 21.65 8.13
C PRO C 66 23.14 22.50 6.96
N GLY C 67 22.48 23.61 7.27
CA GLY C 67 22.00 24.51 6.23
C GLY C 67 20.97 23.90 5.31
N LYS C 68 20.03 23.15 5.87
CA LYS C 68 18.98 22.52 5.07
C LYS C 68 17.93 21.96 6.01
N ALA C 69 16.68 21.97 5.55
CA ALA C 69 15.58 21.47 6.37
C ALA C 69 15.68 19.96 6.53
N PRO C 70 15.22 19.42 7.66
CA PRO C 70 15.27 17.96 7.85
C PRO C 70 14.42 17.24 6.81
N LYS C 71 14.86 16.04 6.45
CA LYS C 71 14.18 15.20 5.48
C LYS C 71 13.72 13.90 6.12
N PHE C 72 12.91 13.15 5.36
CA PHE C 72 12.25 11.94 5.85
C PHE C 72 13.05 10.71 5.47
N LEU C 73 13.44 9.92 6.47
CA LEU C 73 14.20 8.69 6.24
C LEU C 73 13.46 7.43 6.68
N ILE C 74 13.07 7.31 7.95
CA ILE C 74 12.65 6.01 8.49
C ILE C 74 11.26 6.15 9.11
N TYR C 75 10.37 5.21 8.79
CA TYR C 75 9.07 5.10 9.41
C TYR C 75 8.87 3.67 9.92
N ALA C 76 8.12 3.55 11.01
CA ALA C 76 7.78 2.29 11.66
C ALA C 76 8.98 1.59 12.26
N ALA C 77 10.17 2.19 12.24
CA ALA C 77 11.40 1.61 12.77
C ALA C 77 11.82 0.36 12.00
N SER C 78 11.13 0.01 10.92
CA SER C 78 11.44 -1.18 10.14
C SER C 78 11.81 -0.87 8.70
N SER C 79 10.99 -0.12 7.99
CA SER C 79 11.17 0.10 6.56
C SER C 79 11.65 1.53 6.32
N LEU C 80 12.69 1.66 5.51
CA LEU C 80 13.25 2.96 5.16
C LEU C 80 12.35 3.64 4.13
N GLN C 81 12.80 4.76 3.58
CA GLN C 81 12.07 5.51 2.59
C GLN C 81 12.85 5.52 1.28
N GLY C 82 12.11 5.57 0.17
CA GLY C 82 12.72 5.60 -1.15
C GLY C 82 13.86 6.59 -1.26
N GLY C 83 14.92 6.20 -1.96
CA GLY C 83 16.09 7.05 -2.12
C GLY C 83 17.05 7.03 -0.96
N VAL C 84 16.74 6.28 0.10
CA VAL C 84 17.61 6.16 1.27
C VAL C 84 18.45 4.89 1.11
N PRO C 85 19.78 4.98 1.17
CA PRO C 85 20.59 3.75 1.10
C PRO C 85 20.23 2.79 2.22
N SER C 86 20.31 1.50 1.90
CA SER C 86 19.96 0.45 2.86
C SER C 86 20.95 0.35 4.02
N ARG C 87 21.98 1.20 4.06
CA ARG C 87 22.92 1.16 5.18
C ARG C 87 22.22 1.47 6.49
N PHE C 88 21.33 2.46 6.49
CA PHE C 88 20.56 2.76 7.69
C PHE C 88 19.72 1.56 8.10
N ARG C 89 19.62 1.34 9.41
CA ARG C 89 18.88 0.20 9.92
C ARG C 89 18.26 0.59 11.26
N GLY C 90 16.95 0.80 11.28
CA GLY C 90 16.23 1.05 12.49
C GLY C 90 15.57 -0.22 12.99
N SER C 91 15.37 -0.31 14.30
CA SER C 91 14.73 -1.47 14.89
C SER C 91 14.39 -1.15 16.34
N GLY C 92 13.86 -2.14 17.04
CA GLY C 92 13.49 -2.03 18.43
C GLY C 92 12.08 -2.51 18.64
N SER C 93 11.56 -2.30 19.85
CA SER C 93 10.22 -2.75 20.18
C SER C 93 9.74 -1.99 21.41
N GLY C 94 8.43 -2.07 21.63
CA GLY C 94 7.83 -1.51 22.83
C GLY C 94 8.13 -0.03 22.99
N THR C 95 9.00 0.29 23.94
CA THR C 95 9.36 1.67 24.24
C THR C 95 10.84 1.96 24.03
N ASP C 96 11.61 1.00 23.50
CA ASP C 96 13.03 1.17 23.27
C ASP C 96 13.36 0.86 21.82
N PHE C 97 14.08 1.76 21.17
CA PHE C 97 14.37 1.62 19.75
C PHE C 97 15.77 2.13 19.47
N THR C 98 16.34 1.67 18.36
CA THR C 98 17.72 2.00 18.02
C THR C 98 17.86 2.13 16.51
N LEU C 99 18.64 3.13 16.10
CA LEU C 99 18.94 3.39 14.69
C LEU C 99 20.46 3.28 14.52
N THR C 100 20.90 2.32 13.70
CA THR C 100 22.31 2.06 13.50
C THR C 100 22.65 2.13 12.02
N ILE C 101 23.95 2.06 11.74
CA ILE C 101 24.47 2.16 10.39
C ILE C 101 25.74 1.33 10.31
N SER C 102 25.87 0.54 9.24
CA SER C 102 27.01 -0.35 9.03
C SER C 102 27.86 0.20 7.88
N SER C 103 29.16 0.32 8.12
CA SER C 103 30.09 0.86 7.14
C SER C 103 29.53 2.17 6.56
N LEU C 104 29.38 3.15 7.46
CA LEU C 104 28.71 4.39 7.12
C LEU C 104 29.39 5.06 5.92
N GLN C 105 28.56 5.59 5.02
CA GLN C 105 29.06 6.19 3.79
C GLN C 105 29.48 7.63 4.03
N PRO C 106 30.28 8.20 3.13
CA PRO C 106 30.60 9.62 3.22
C PRO C 106 29.36 10.48 3.01
N GLU C 107 29.37 11.66 3.63
CA GLU C 107 28.29 12.64 3.61
C GLU C 107 27.11 12.23 4.49
N ASP C 108 27.14 11.05 5.11
CA ASP C 108 26.07 10.66 6.03
C ASP C 108 26.03 11.54 7.27
N PHE C 109 27.12 12.27 7.56
CA PHE C 109 27.16 13.13 8.72
C PHE C 109 25.99 14.11 8.70
N ALA C 110 25.13 14.01 9.71
CA ALA C 110 23.96 14.88 9.81
C ALA C 110 23.30 14.60 11.16
N THR C 111 22.39 15.48 11.54
CA THR C 111 21.68 15.36 12.80
C THR C 111 20.45 14.46 12.59
N TYR C 112 20.37 13.38 13.35
CA TYR C 112 19.29 12.40 13.23
C TYR C 112 18.34 12.56 14.39
N TYR C 113 17.07 12.83 14.07
CA TYR C 113 16.06 13.14 15.08
C TYR C 113 15.05 12.00 15.19
N CYS C 114 14.68 11.67 16.43
CA CYS C 114 13.69 10.65 16.72
C CYS C 114 12.34 11.32 17.02
N GLN C 115 11.25 10.62 16.70
CA GLN C 115 9.92 11.19 16.82
C GLN C 115 8.91 10.09 17.09
N GLN C 116 7.91 10.39 17.91
CA GLN C 116 6.92 9.41 18.32
C GLN C 116 5.51 9.96 18.18
N THR C 117 4.57 9.04 17.98
CA THR C 117 3.14 9.34 17.87
C THR C 117 2.35 8.34 18.68
N TYR C 118 1.36 8.83 19.41
CA TYR C 118 0.45 7.98 20.17
C TYR C 118 -0.86 7.76 19.40
N SER C 119 -0.92 8.19 18.14
CA SER C 119 -2.08 8.23 17.26
C SER C 119 -3.04 9.35 17.63
N THR C 120 -2.86 10.02 18.77
CA THR C 120 -3.54 11.27 19.09
C THR C 120 -2.56 12.37 19.42
N LEU C 121 -1.57 12.09 20.26
CA LEU C 121 -0.58 13.06 20.70
C LEU C 121 0.70 12.90 19.90
N TRP C 122 1.54 13.94 19.92
CA TRP C 122 2.76 13.99 19.14
C TRP C 122 3.95 14.16 20.06
N THR C 123 5.14 13.81 19.58
CA THR C 123 6.34 14.05 20.38
C THR C 123 7.56 13.99 19.49
N PHE C 124 8.55 14.82 19.82
CA PHE C 124 9.84 14.87 19.16
C PHE C 124 10.93 14.45 20.15
N GLY C 125 12.17 14.41 19.67
CA GLY C 125 13.29 14.19 20.55
C GLY C 125 14.59 14.76 20.01
N GLN C 126 15.35 15.45 20.87
CA GLN C 126 16.65 15.95 20.46
C GLN C 126 17.53 14.80 19.99
N GLY C 127 18.19 14.99 18.86
CA GLY C 127 19.00 13.97 18.23
C GLY C 127 20.46 14.08 18.59
N THR C 128 21.31 13.62 17.67
CA THR C 128 22.75 13.64 17.84
C THR C 128 23.36 14.52 16.76
N LYS C 129 24.23 15.45 17.18
CA LYS C 129 24.93 16.33 16.24
C LYS C 129 26.34 15.75 16.02
N VAL C 130 26.42 14.79 15.11
CA VAL C 130 27.70 14.15 14.82
C VAL C 130 28.70 15.21 14.41
N GLU C 131 29.77 15.35 15.20
CA GLU C 131 30.82 16.33 14.94
C GLU C 131 32.01 15.62 14.33
N ILE C 132 32.55 16.20 13.24
CA ILE C 132 33.67 15.58 12.55
C ILE C 132 34.89 15.59 13.47
N LYS C 133 35.53 14.43 13.60
CA LYS C 133 36.70 14.30 14.46
C LYS C 133 37.65 13.24 13.91
#